data_8X8K
#
_entry.id   8X8K
#
_cell.length_a   74.879
_cell.length_b   74.879
_cell.length_c   163.087
_cell.angle_alpha   90.000
_cell.angle_beta   90.000
_cell.angle_gamma   120.000
#
_symmetry.space_group_name_H-M   'P 32 2 1'
#
loop_
_entity.id
_entity.type
_entity.pdbx_description
1 polymer 'Starch-binding domain-containing protein 1'
2 branched alpha-D-glucopyranose-(1-4)-alpha-D-glucopyranose-(1-4)-alpha-D-glucopyranose-(1-4)-alpha-D-glucopyranose
3 non-polymer GLYCEROL
4 water water
#
_entity_poly.entity_id   1
_entity_poly.type   'polypeptide(L)'
_entity_poly.pdbx_seq_one_letter_code
;GSQQVSVRFQVHYVTSTDVQFIAVTGDHECLGRWNTYIPLHYNKDGFWSHSIFLPADTVVEWKFVLVENGGVTRWEECSN
RFLETGHEDKVVHAWWGIH
;
_entity_poly.pdbx_strand_id   A,B,C,D
#
# COMPACT_ATOMS: atom_id res chain seq x y z
N GLN A 3 -17.68 -14.17 22.64
CA GLN A 3 -18.08 -12.77 22.77
C GLN A 3 -17.75 -12.00 21.48
N GLN A 4 -18.45 -10.89 21.30
CA GLN A 4 -18.40 -10.09 20.09
C GLN A 4 -17.96 -8.67 20.45
N VAL A 5 -17.47 -7.94 19.45
CA VAL A 5 -17.01 -6.57 19.59
C VAL A 5 -17.46 -5.79 18.36
N SER A 6 -17.91 -4.54 18.56
CA SER A 6 -18.42 -3.74 17.44
C SER A 6 -17.33 -2.84 16.90
N VAL A 7 -16.98 -3.01 15.62
CA VAL A 7 -15.90 -2.24 14.99
C VAL A 7 -16.51 -1.38 13.89
N ARG A 8 -16.29 -0.06 13.97
CA ARG A 8 -16.80 0.87 12.96
C ARG A 8 -15.70 1.14 11.92
N PHE A 9 -15.89 0.65 10.70
CA PHE A 9 -14.97 0.88 9.59
C PHE A 9 -15.31 2.19 8.88
N GLN A 10 -14.28 2.95 8.49
CA GLN A 10 -14.46 4.27 7.91
C GLN A 10 -13.38 4.56 6.87
N VAL A 11 -13.78 5.08 5.70
CA VAL A 11 -12.85 5.41 4.63
C VAL A 11 -13.46 6.51 3.79
N HIS A 12 -12.59 7.38 3.27
CA HIS A 12 -12.98 8.43 2.33
C HIS A 12 -12.77 7.93 0.90
N TYR A 13 -13.83 8.02 0.09
CA TYR A 13 -13.80 7.55 -1.29
C TYR A 13 -14.89 8.23 -2.10
N VAL A 14 -14.53 8.89 -3.20
CA VAL A 14 -15.48 9.61 -4.05
C VAL A 14 -15.88 8.68 -5.19
N THR A 15 -17.11 8.20 -5.18
CA THR A 15 -17.55 7.37 -6.30
C THR A 15 -18.00 8.26 -7.44
N SER A 16 -18.08 7.66 -8.63
CA SER A 16 -18.46 8.41 -9.83
C SER A 16 -19.96 8.35 -10.13
N THR A 17 -20.63 7.27 -9.75
CA THR A 17 -22.07 7.11 -9.97
C THR A 17 -22.76 6.69 -8.69
N ASP A 18 -24.09 6.79 -8.71
CA ASP A 18 -24.91 6.51 -7.54
C ASP A 18 -25.16 5.03 -7.30
N VAL A 19 -24.74 4.15 -8.23
CA VAL A 19 -24.95 2.71 -8.05
C VAL A 19 -23.71 2.02 -7.46
N GLN A 20 -22.58 2.72 -7.39
CA GLN A 20 -21.38 2.19 -6.75
C GLN A 20 -21.39 2.41 -5.25
N PHE A 21 -20.76 1.50 -4.51
CA PHE A 21 -20.57 1.68 -3.09
C PHE A 21 -19.34 0.91 -2.63
N ILE A 22 -18.85 1.31 -1.46
CA ILE A 22 -17.68 0.73 -0.80
C ILE A 22 -18.13 -0.36 0.16
N ALA A 23 -17.38 -1.46 0.23
CA ALA A 23 -17.71 -2.53 1.17
C ALA A 23 -16.44 -3.08 1.76
N VAL A 24 -16.58 -3.87 2.82
CA VAL A 24 -15.47 -4.55 3.49
C VAL A 24 -15.63 -6.05 3.26
N THR A 25 -14.51 -6.74 3.07
CA THR A 25 -14.50 -8.20 3.02
C THR A 25 -13.23 -8.71 3.71
N GLY A 26 -13.17 -10.00 4.00
CA GLY A 26 -12.06 -10.52 4.78
C GLY A 26 -12.19 -12.00 5.04
N ASP A 27 -11.25 -12.51 5.83
CA ASP A 27 -11.06 -13.95 5.90
C ASP A 27 -11.99 -14.62 6.89
N HIS A 28 -12.63 -13.87 7.78
CA HIS A 28 -13.52 -14.45 8.75
C HIS A 28 -14.92 -14.61 8.14
N GLU A 29 -15.66 -15.57 8.68
CA GLU A 29 -17.08 -15.72 8.34
C GLU A 29 -17.85 -14.42 8.50
N CYS A 30 -17.64 -13.70 9.61
CA CYS A 30 -18.31 -12.42 9.82
C CYS A 30 -17.95 -11.38 8.75
N LEU A 31 -16.90 -11.61 7.97
CA LEU A 31 -16.50 -10.67 6.92
C LEU A 31 -16.73 -11.22 5.51
N GLY A 32 -17.42 -12.36 5.39
CA GLY A 32 -17.76 -12.89 4.08
C GLY A 32 -16.80 -13.91 3.52
N ARG A 33 -15.69 -14.19 4.19
CA ARG A 33 -14.73 -15.18 3.73
C ARG A 33 -14.20 -14.88 2.31
N TRP A 34 -13.98 -13.60 2.01
CA TRP A 34 -13.47 -13.12 0.73
C TRP A 34 -14.43 -13.29 -0.43
N ASN A 35 -15.57 -13.97 -0.22
CA ASN A 35 -16.53 -14.24 -1.29
C ASN A 35 -17.68 -13.25 -1.34
N THR A 36 -18.19 -12.83 -0.19
CA THR A 36 -19.17 -11.77 -0.12
C THR A 36 -18.60 -10.62 0.72
N TYR A 37 -19.36 -9.54 0.81
CA TYR A 37 -18.85 -8.30 1.37
C TYR A 37 -19.93 -7.66 2.24
N ILE A 38 -19.51 -6.76 3.12
CA ILE A 38 -20.44 -6.04 3.98
C ILE A 38 -20.48 -4.59 3.48
N PRO A 39 -21.61 -4.11 2.95
CA PRO A 39 -21.62 -2.73 2.43
C PRO A 39 -21.41 -1.71 3.52
N LEU A 40 -20.64 -0.67 3.22
CA LEU A 40 -20.64 0.53 4.04
C LEU A 40 -21.72 1.49 3.56
N HIS A 41 -21.99 2.53 4.34
CA HIS A 41 -23.00 3.53 4.01
C HIS A 41 -22.38 4.92 3.91
N TYR A 42 -22.95 5.73 3.03
CA TYR A 42 -22.42 7.06 2.73
C TYR A 42 -22.97 8.11 3.69
N ASN A 43 -22.09 8.98 4.19
CA ASN A 43 -22.41 10.07 5.13
C ASN A 43 -22.08 11.42 4.50
N LYS A 44 -22.31 12.47 5.28
CA LYS A 44 -21.77 13.79 4.93
C LYS A 44 -20.25 13.71 4.77
N ASP A 45 -19.72 14.57 3.88
CA ASP A 45 -18.28 14.72 3.67
C ASP A 45 -17.63 13.50 3.02
N GLY A 46 -18.38 12.78 2.17
CA GLY A 46 -17.77 11.73 1.36
C GLY A 46 -17.18 10.58 2.13
N PHE A 47 -17.57 10.41 3.40
CA PHE A 47 -17.12 9.27 4.22
C PHE A 47 -18.07 8.09 4.06
N TRP A 48 -17.49 6.90 3.95
CA TRP A 48 -18.20 5.63 4.02
C TRP A 48 -17.91 5.01 5.37
N SER A 49 -18.96 4.60 6.08
CA SER A 49 -18.86 4.09 7.44
C SER A 49 -19.94 3.05 7.71
N HIS A 50 -19.60 2.01 8.49
CA HIS A 50 -20.57 1.06 9.04
C HIS A 50 -19.95 0.29 10.20
N SER A 51 -20.79 -0.17 11.13
CA SER A 51 -20.37 -0.95 12.31
C SER A 51 -20.63 -2.44 12.10
N ILE A 52 -19.60 -3.26 12.29
CA ILE A 52 -19.69 -4.70 12.09
C ILE A 52 -19.32 -5.39 13.40
N PHE A 53 -20.14 -6.35 13.82
CA PHE A 53 -19.78 -7.21 14.94
C PHE A 53 -18.77 -8.28 14.53
N LEU A 54 -17.65 -8.34 15.23
CA LEU A 54 -16.56 -9.27 15.00
C LEU A 54 -16.29 -10.10 16.25
N PRO A 55 -15.71 -11.28 16.13
CA PRO A 55 -15.33 -12.03 17.33
C PRO A 55 -14.31 -11.24 18.13
N ALA A 56 -14.44 -11.31 19.45
CA ALA A 56 -13.58 -10.55 20.35
C ALA A 56 -12.20 -11.19 20.45
N ASP A 57 -11.18 -10.35 20.63
CA ASP A 57 -9.83 -10.79 21.04
C ASP A 57 -9.18 -11.76 20.04
N THR A 58 -9.31 -11.46 18.76
CA THR A 58 -8.76 -12.32 17.71
C THR A 58 -8.04 -11.45 16.67
N VAL A 59 -7.60 -12.09 15.58
CA VAL A 59 -6.88 -11.45 14.49
C VAL A 59 -7.58 -11.83 13.20
N VAL A 60 -7.97 -10.83 12.41
CA VAL A 60 -8.62 -11.08 11.12
C VAL A 60 -7.89 -10.28 10.05
N GLU A 61 -7.92 -10.79 8.81
CA GLU A 61 -7.40 -10.06 7.65
C GLU A 61 -8.57 -9.55 6.82
N TRP A 62 -8.40 -8.35 6.23
CA TRP A 62 -9.52 -7.74 5.52
C TRP A 62 -9.04 -6.74 4.47
N LYS A 63 -9.98 -6.29 3.63
CA LYS A 63 -9.72 -5.25 2.64
C LYS A 63 -11.01 -4.50 2.35
N PHE A 64 -10.86 -3.22 1.94
CA PHE A 64 -11.95 -2.50 1.28
C PHE A 64 -12.10 -2.93 -0.18
N VAL A 65 -13.33 -2.95 -0.69
CA VAL A 65 -13.59 -3.23 -2.09
C VAL A 65 -14.58 -2.19 -2.61
N LEU A 66 -14.53 -1.93 -3.92
CA LEU A 66 -15.55 -1.15 -4.61
C LEU A 66 -16.47 -2.09 -5.38
N VAL A 67 -17.78 -1.86 -5.29
CA VAL A 67 -18.78 -2.83 -5.73
C VAL A 67 -19.72 -2.14 -6.70
N GLU A 68 -20.05 -2.83 -7.79
CA GLU A 68 -21.02 -2.35 -8.76
C GLU A 68 -21.68 -3.54 -9.45
N ASN A 69 -22.97 -3.40 -9.74
CA ASN A 69 -23.72 -4.43 -10.47
C ASN A 69 -23.47 -5.82 -9.89
N GLY A 70 -23.50 -5.94 -8.57
CA GLY A 70 -23.47 -7.22 -7.88
C GLY A 70 -22.10 -7.78 -7.57
N GLY A 71 -21.02 -7.19 -8.07
CA GLY A 71 -19.70 -7.76 -7.85
C GLY A 71 -18.66 -6.68 -7.61
N VAL A 72 -17.52 -7.14 -7.08
CA VAL A 72 -16.37 -6.26 -6.85
C VAL A 72 -15.78 -5.84 -8.18
N THR A 73 -15.71 -4.52 -8.41
CA THR A 73 -15.00 -3.97 -9.57
C THR A 73 -13.62 -3.43 -9.24
N ARG A 74 -13.26 -3.30 -7.97
CA ARG A 74 -11.94 -2.80 -7.61
C ARG A 74 -11.60 -3.25 -6.20
N TRP A 75 -10.49 -3.97 -6.06
CA TRP A 75 -9.88 -4.27 -4.78
C TRP A 75 -8.85 -3.21 -4.44
N GLU A 76 -8.83 -2.81 -3.18
CA GLU A 76 -7.72 -2.03 -2.61
C GLU A 76 -6.37 -2.61 -3.01
N GLU A 77 -5.44 -1.74 -3.45
CA GLU A 77 -4.20 -2.25 -4.05
C GLU A 77 -3.13 -2.65 -3.05
N CYS A 78 -3.32 -2.45 -1.75
CA CYS A 78 -2.34 -2.92 -0.78
C CYS A 78 -2.54 -4.41 -0.50
N SER A 79 -1.59 -5.01 0.23
CA SER A 79 -1.78 -6.37 0.71
C SER A 79 -2.86 -6.41 1.81
N ASN A 80 -3.28 -7.63 2.19
CA ASN A 80 -4.34 -7.76 3.19
C ASN A 80 -3.97 -6.98 4.44
N ARG A 81 -4.96 -6.28 5.02
CA ARG A 81 -4.81 -5.63 6.31
C ARG A 81 -5.08 -6.62 7.43
N PHE A 82 -4.41 -6.40 8.57
CA PHE A 82 -4.59 -7.20 9.78
C PHE A 82 -5.27 -6.35 10.82
N LEU A 83 -6.23 -6.94 11.54
CA LEU A 83 -6.93 -6.26 12.62
C LEU A 83 -6.94 -7.14 13.86
N GLU A 84 -6.34 -6.67 14.96
CA GLU A 84 -6.57 -7.24 16.30
C GLU A 84 -7.90 -6.69 16.80
N THR A 85 -8.93 -7.55 16.89
CA THR A 85 -10.27 -7.05 17.14
C THR A 85 -10.45 -6.52 18.56
N GLY A 86 -9.72 -7.05 19.54
CA GLY A 86 -9.85 -6.48 20.89
C GLY A 86 -11.16 -6.85 21.56
N HIS A 87 -11.50 -6.11 22.63
CA HIS A 87 -12.77 -6.37 23.29
C HIS A 87 -13.47 -5.08 23.68
N GLU A 88 -13.09 -3.95 23.09
CA GLU A 88 -13.82 -2.70 23.28
C GLU A 88 -14.27 -2.18 21.93
N ASP A 89 -15.47 -1.63 21.87
CA ASP A 89 -15.94 -1.05 20.63
C ASP A 89 -15.01 0.08 20.22
N LYS A 90 -14.79 0.19 18.90
CA LYS A 90 -13.79 1.12 18.39
C LYS A 90 -14.02 1.43 16.90
N VAL A 91 -13.34 2.49 16.48
CA VAL A 91 -13.38 2.97 15.11
C VAL A 91 -12.06 2.62 14.45
N VAL A 92 -12.13 2.05 13.25
CA VAL A 92 -10.95 1.83 12.40
C VAL A 92 -11.04 2.80 11.24
N HIS A 93 -10.37 3.94 11.35
CA HIS A 93 -10.25 4.88 10.25
C HIS A 93 -9.04 4.50 9.40
N ALA A 94 -9.25 4.36 8.09
CA ALA A 94 -8.19 3.95 7.16
C ALA A 94 -8.20 4.84 5.91
N TRP A 95 -7.10 4.77 5.16
CA TRP A 95 -7.00 5.41 3.86
C TRP A 95 -6.91 4.33 2.80
N TRP A 96 -7.74 4.43 1.77
CA TRP A 96 -7.75 3.47 0.67
C TRP A 96 -6.32 3.17 0.19
N GLY A 97 -5.98 1.89 0.18
CA GLY A 97 -4.74 1.48 -0.44
C GLY A 97 -3.51 1.62 0.43
N ILE A 98 -3.67 2.00 1.70
CA ILE A 98 -2.54 2.33 2.57
C ILE A 98 -2.72 1.65 3.92
N HIS A 99 -1.75 0.85 4.33
CA HIS A 99 -1.85 0.16 5.60
C HIS A 99 -1.88 1.10 6.81
N GLN B 3 -17.05 -31.77 5.10
CA GLN B 3 -16.96 -30.31 5.21
C GLN B 3 -15.62 -29.85 5.78
N GLN B 4 -15.48 -28.54 5.97
CA GLN B 4 -14.16 -27.96 6.19
C GLN B 4 -14.15 -27.10 7.45
N VAL B 5 -12.93 -26.82 7.90
CA VAL B 5 -12.70 -26.10 9.15
C VAL B 5 -11.55 -25.11 8.90
N SER B 6 -11.67 -23.92 9.48
CA SER B 6 -10.70 -22.85 9.25
C SER B 6 -9.69 -22.83 10.40
N VAL B 7 -8.42 -23.01 10.06
CA VAL B 7 -7.33 -23.10 11.02
C VAL B 7 -6.38 -21.97 10.73
N ARG B 8 -6.15 -21.11 11.71
CA ARG B 8 -5.21 -20.01 11.53
C ARG B 8 -3.86 -20.40 12.12
N PHE B 9 -2.84 -20.49 11.27
CA PHE B 9 -1.47 -20.78 11.71
C PHE B 9 -0.74 -19.46 11.99
N GLN B 10 0.03 -19.42 13.08
CA GLN B 10 0.75 -18.19 13.43
C GLN B 10 2.07 -18.52 14.09
N VAL B 11 3.17 -17.88 13.66
CA VAL B 11 4.53 -18.16 14.15
C VAL B 11 5.35 -16.86 14.20
N HIS B 12 6.20 -16.72 15.24
CA HIS B 12 7.16 -15.61 15.29
C HIS B 12 8.43 -15.99 14.50
N TYR B 13 8.79 -15.14 13.55
CA TYR B 13 9.99 -15.35 12.73
C TYR B 13 10.38 -14.01 12.13
N VAL B 14 11.61 -13.55 12.37
CA VAL B 14 12.10 -12.29 11.83
C VAL B 14 12.90 -12.61 10.56
N THR B 15 12.40 -12.19 9.40
CA THR B 15 13.13 -12.42 8.16
C THR B 15 14.23 -11.35 8.00
N SER B 16 15.22 -11.65 7.16
CA SER B 16 16.34 -10.77 6.98
C SER B 16 16.43 -10.15 5.58
N THR B 17 15.54 -10.52 4.66
CA THR B 17 15.33 -9.77 3.42
C THR B 17 13.84 -9.51 3.21
N ASP B 18 13.54 -8.55 2.34
CA ASP B 18 12.15 -8.21 2.06
C ASP B 18 11.43 -9.30 1.28
N VAL B 19 12.16 -10.17 0.57
CA VAL B 19 11.52 -11.16 -0.29
C VAL B 19 11.35 -12.54 0.34
N GLN B 20 12.05 -12.84 1.46
CA GLN B 20 11.82 -14.07 2.20
C GLN B 20 10.40 -14.10 2.77
N PHE B 21 9.81 -15.29 2.86
CA PHE B 21 8.55 -15.44 3.58
C PHE B 21 8.42 -16.84 4.18
N ILE B 22 7.58 -16.94 5.23
CA ILE B 22 7.25 -18.20 5.90
C ILE B 22 6.04 -18.83 5.19
N ALA B 23 5.99 -20.15 5.16
CA ALA B 23 4.89 -20.86 4.52
C ALA B 23 4.64 -22.17 5.26
N VAL B 24 3.49 -22.77 4.98
CA VAL B 24 3.09 -24.07 5.53
C VAL B 24 3.02 -25.10 4.40
N THR B 25 3.50 -26.31 4.66
CA THR B 25 3.26 -27.43 3.76
C THR B 25 3.02 -28.67 4.61
N GLY B 26 2.44 -29.69 4.00
CA GLY B 26 2.06 -30.88 4.74
C GLY B 26 1.64 -32.01 3.81
N ASP B 27 1.13 -33.08 4.42
CA ASP B 27 0.90 -34.31 3.67
C ASP B 27 -0.44 -34.38 2.98
N HIS B 28 -1.36 -33.46 3.23
CA HIS B 28 -2.67 -33.52 2.62
C HIS B 28 -2.66 -32.74 1.31
N GLU B 29 -3.67 -33.01 0.47
CA GLU B 29 -3.87 -32.25 -0.75
C GLU B 29 -4.00 -30.77 -0.46
N CYS B 30 -4.66 -30.43 0.65
CA CYS B 30 -4.85 -29.03 1.05
C CYS B 30 -3.53 -28.38 1.46
N LEU B 31 -2.55 -29.16 1.91
CA LEU B 31 -1.28 -28.60 2.32
C LEU B 31 -0.17 -28.82 1.28
N GLY B 32 -0.53 -29.30 0.10
CA GLY B 32 0.38 -29.39 -1.04
C GLY B 32 1.19 -30.66 -1.16
N ARG B 33 0.91 -31.68 -0.35
CA ARG B 33 1.61 -32.97 -0.40
C ARG B 33 3.13 -32.79 -0.42
N TRP B 34 3.61 -31.95 0.50
CA TRP B 34 5.04 -31.74 0.73
C TRP B 34 5.77 -31.13 -0.45
N ASN B 35 5.10 -31.00 -1.60
CA ASN B 35 5.73 -30.41 -2.78
C ASN B 35 5.59 -28.89 -2.77
N THR B 36 4.35 -28.39 -2.82
CA THR B 36 4.06 -26.96 -2.77
C THR B 36 3.62 -26.56 -1.36
N TYR B 37 3.55 -25.24 -1.14
CA TYR B 37 3.36 -24.62 0.16
C TYR B 37 2.28 -23.54 0.08
N ILE B 38 1.77 -23.14 1.23
CA ILE B 38 0.77 -22.07 1.40
C ILE B 38 1.46 -20.92 2.12
N PRO B 39 1.69 -19.77 1.48
CA PRO B 39 2.38 -18.67 2.16
C PRO B 39 1.61 -18.16 3.38
N LEU B 40 2.35 -17.80 4.44
CA LEU B 40 1.75 -16.98 5.49
C LEU B 40 1.95 -15.52 5.12
N HIS B 41 1.26 -14.63 5.82
CA HIS B 41 1.36 -13.20 5.56
C HIS B 41 1.95 -12.51 6.76
N TYR B 42 2.80 -11.51 6.50
CA TYR B 42 3.42 -10.76 7.59
C TYR B 42 2.42 -9.76 8.18
N ASN B 43 2.29 -9.81 9.51
CA ASN B 43 1.41 -8.91 10.24
C ASN B 43 2.24 -7.77 10.81
N LYS B 44 2.89 -8.01 11.96
CA LYS B 44 3.68 -6.99 12.65
C LYS B 44 4.43 -7.68 13.78
N ASP B 45 5.45 -6.99 14.28
CA ASP B 45 6.21 -7.44 15.45
C ASP B 45 6.77 -8.84 15.23
N GLY B 46 7.14 -9.15 13.99
CA GLY B 46 7.71 -10.46 13.70
C GLY B 46 6.73 -11.60 13.59
N PHE B 47 5.42 -11.35 13.60
CA PHE B 47 4.45 -12.44 13.51
C PHE B 47 3.97 -12.66 12.08
N TRP B 48 3.95 -13.93 11.67
CA TRP B 48 3.36 -14.36 10.42
C TRP B 48 2.09 -15.15 10.72
N SER B 49 1.06 -14.97 9.88
CA SER B 49 -0.20 -15.66 10.12
C SER B 49 -0.97 -15.84 8.82
N HIS B 50 -1.80 -16.90 8.76
CA HIS B 50 -2.73 -17.10 7.66
C HIS B 50 -3.78 -18.14 8.05
N SER B 51 -5.02 -17.95 7.58
CA SER B 51 -6.12 -18.89 7.79
C SER B 51 -6.22 -19.87 6.61
N ILE B 52 -6.06 -21.17 6.89
CA ILE B 52 -6.12 -22.21 5.87
C ILE B 52 -7.32 -23.11 6.13
N PHE B 53 -8.01 -23.51 5.06
CA PHE B 53 -9.11 -24.46 5.14
C PHE B 53 -8.61 -25.89 5.07
N LEU B 54 -9.03 -26.71 6.02
CA LEU B 54 -8.66 -28.12 6.10
C LEU B 54 -9.90 -28.96 6.29
N PRO B 55 -9.86 -30.24 5.89
CA PRO B 55 -11.03 -31.10 6.11
C PRO B 55 -11.23 -31.34 7.60
N ALA B 56 -12.51 -31.35 8.00
CA ALA B 56 -12.86 -31.43 9.41
C ALA B 56 -12.61 -32.83 9.96
N ASP B 57 -12.23 -32.87 11.24
CA ASP B 57 -12.19 -34.13 12.01
C ASP B 57 -11.18 -35.12 11.44
N THR B 58 -10.00 -34.62 11.06
CA THR B 58 -8.96 -35.47 10.51
C THR B 58 -7.62 -35.10 11.11
N VAL B 59 -6.61 -35.92 10.81
CA VAL B 59 -5.25 -35.74 11.29
C VAL B 59 -4.36 -35.42 10.09
N VAL B 60 -3.69 -34.29 10.13
CA VAL B 60 -2.72 -33.94 9.10
C VAL B 60 -1.35 -33.76 9.74
N GLU B 61 -0.32 -33.99 8.93
CA GLU B 61 1.06 -33.75 9.32
C GLU B 61 1.56 -32.55 8.56
N TRP B 62 2.36 -31.68 9.20
CA TRP B 62 2.76 -30.44 8.55
C TRP B 62 4.06 -29.91 9.15
N LYS B 63 4.65 -28.91 8.44
CA LYS B 63 5.88 -28.24 8.86
C LYS B 63 5.90 -26.80 8.35
N PHE B 64 6.65 -25.92 9.04
CA PHE B 64 6.92 -24.61 8.46
C PHE B 64 8.11 -24.67 7.50
N VAL B 65 8.13 -23.76 6.52
CA VAL B 65 9.28 -23.62 5.61
C VAL B 65 9.60 -22.14 5.42
N LEU B 66 10.87 -21.85 5.16
CA LEU B 66 11.27 -20.53 4.69
C LEU B 66 11.46 -20.60 3.18
N VAL B 67 10.87 -19.64 2.45
CA VAL B 67 10.84 -19.61 0.99
C VAL B 67 11.51 -18.33 0.47
N GLU B 68 12.29 -18.48 -0.60
CA GLU B 68 13.04 -17.42 -1.22
C GLU B 68 13.42 -17.84 -2.64
N ASN B 69 13.37 -16.89 -3.56
CA ASN B 69 13.78 -17.15 -4.95
C ASN B 69 13.00 -18.32 -5.55
N GLY B 70 11.72 -18.43 -5.21
CA GLY B 70 10.85 -19.41 -5.84
C GLY B 70 10.99 -20.84 -5.36
N GLY B 71 11.39 -21.06 -4.12
CA GLY B 71 11.65 -22.41 -3.64
C GLY B 71 12.01 -22.37 -2.17
N VAL B 72 11.84 -23.53 -1.53
CA VAL B 72 12.13 -23.68 -0.10
C VAL B 72 13.64 -23.61 0.13
N THR B 73 14.10 -22.68 0.97
CA THR B 73 15.51 -22.61 1.29
C THR B 73 15.83 -23.12 2.69
N ARG B 74 14.82 -23.38 3.52
CA ARG B 74 15.06 -23.88 4.88
C ARG B 74 13.79 -24.57 5.38
N TRP B 75 13.90 -25.85 5.71
CA TRP B 75 12.86 -26.55 6.44
C TRP B 75 13.08 -26.38 7.93
N GLU B 76 12.00 -26.28 8.69
CA GLU B 76 12.22 -26.16 10.13
C GLU B 76 12.81 -27.47 10.65
N GLU B 77 13.72 -27.33 11.61
CA GLU B 77 14.56 -28.44 12.10
C GLU B 77 13.87 -29.18 13.26
N CYS B 78 12.69 -29.73 12.98
CA CYS B 78 12.04 -30.65 13.89
C CYS B 78 11.33 -31.71 13.06
N SER B 79 10.93 -32.80 13.70
CA SER B 79 10.15 -33.82 13.00
C SER B 79 8.79 -33.26 12.60
N ASN B 80 8.06 -34.02 11.79
CA ASN B 80 6.74 -33.59 11.33
C ASN B 80 5.83 -33.29 12.51
N ARG B 81 5.09 -32.19 12.43
CA ARG B 81 4.04 -31.88 13.40
C ARG B 81 2.75 -32.64 13.05
N PHE B 82 1.96 -32.95 14.08
CA PHE B 82 0.68 -33.62 13.90
C PHE B 82 -0.41 -32.69 14.41
N LEU B 83 -1.53 -32.62 13.68
CA LEU B 83 -2.61 -31.69 14.00
C LEU B 83 -3.95 -32.39 13.85
N GLU B 84 -4.76 -32.37 14.92
CA GLU B 84 -6.14 -32.82 14.90
C GLU B 84 -7.02 -31.63 14.51
N THR B 85 -7.69 -31.71 13.35
CA THR B 85 -8.39 -30.52 12.87
C THR B 85 -9.69 -30.25 13.62
N GLY B 86 -10.32 -31.26 14.23
CA GLY B 86 -11.57 -30.97 14.92
C GLY B 86 -12.68 -30.54 13.97
N HIS B 87 -13.71 -29.91 14.52
CA HIS B 87 -14.76 -29.35 13.66
C HIS B 87 -15.22 -27.97 14.14
N GLU B 88 -14.32 -27.19 14.71
CA GLU B 88 -14.57 -25.79 14.97
C GLU B 88 -13.33 -25.00 14.57
N ASP B 89 -13.54 -23.80 14.05
CA ASP B 89 -12.42 -22.95 13.66
C ASP B 89 -11.51 -22.71 14.86
N LYS B 90 -10.21 -22.63 14.59
CA LYS B 90 -9.26 -22.61 15.70
C LYS B 90 -7.98 -21.92 15.27
N VAL B 91 -7.15 -21.59 16.25
CA VAL B 91 -5.85 -20.99 16.02
C VAL B 91 -4.81 -21.98 16.48
N VAL B 92 -3.74 -22.11 15.72
CA VAL B 92 -2.60 -22.96 16.04
C VAL B 92 -1.40 -22.03 16.19
N HIS B 93 -1.02 -21.71 17.43
CA HIS B 93 0.21 -20.96 17.67
C HIS B 93 1.34 -21.98 17.73
N ALA B 94 2.51 -21.60 17.19
CA ALA B 94 3.60 -22.56 17.10
C ALA B 94 4.94 -21.82 17.18
N TRP B 95 5.98 -22.59 17.52
CA TRP B 95 7.34 -22.08 17.63
C TRP B 95 8.22 -22.82 16.65
N TRP B 96 8.91 -22.07 15.79
CA TRP B 96 9.82 -22.68 14.80
C TRP B 96 10.74 -23.67 15.48
N GLY B 97 10.74 -24.92 15.01
CA GLY B 97 11.79 -25.84 15.41
C GLY B 97 11.50 -26.71 16.62
N ILE B 98 10.31 -26.62 17.20
CA ILE B 98 9.96 -27.45 18.35
C ILE B 98 8.44 -27.61 18.32
N HIS B 99 7.95 -28.72 18.82
CA HIS B 99 6.50 -28.88 18.92
C HIS B 99 6.05 -28.16 20.23
N SER C 2 0.06 -12.23 -5.13
CA SER C 2 0.43 -11.38 -6.26
C SER C 2 0.21 -9.90 -5.94
N GLN C 3 1.26 -9.24 -5.43
CA GLN C 3 1.16 -7.89 -4.90
C GLN C 3 1.46 -6.84 -5.97
N GLN C 4 1.08 -5.60 -5.68
CA GLN C 4 1.22 -4.46 -6.58
C GLN C 4 2.03 -3.36 -5.92
N VAL C 5 2.63 -2.51 -6.76
CA VAL C 5 3.44 -1.37 -6.33
C VAL C 5 3.11 -0.17 -7.21
N SER C 6 3.07 1.02 -6.61
CA SER C 6 2.79 2.26 -7.36
C SER C 6 4.11 2.85 -7.85
N VAL C 7 4.22 3.04 -9.17
CA VAL C 7 5.40 3.65 -9.76
C VAL C 7 4.97 4.93 -10.47
N ARG C 8 5.56 6.05 -10.08
CA ARG C 8 5.28 7.32 -10.75
C ARG C 8 6.28 7.55 -11.89
N PHE C 9 5.77 7.63 -13.10
CA PHE C 9 6.62 7.96 -14.25
C PHE C 9 6.58 9.47 -14.46
N GLN C 10 7.75 10.09 -14.59
CA GLN C 10 7.84 11.54 -14.63
C GLN C 10 8.85 12.04 -15.66
N VAL C 11 8.46 12.99 -16.52
CA VAL C 11 9.35 13.49 -17.57
C VAL C 11 9.05 14.96 -17.83
N HIS C 12 10.10 15.72 -18.14
CA HIS C 12 9.94 17.11 -18.60
C HIS C 12 9.81 17.10 -20.12
N TYR C 13 8.69 17.59 -20.63
CA TYR C 13 8.42 17.71 -22.07
C TYR C 13 7.43 18.86 -22.26
N VAL C 14 7.73 19.76 -23.19
CA VAL C 14 6.92 20.96 -23.41
C VAL C 14 6.11 20.75 -24.67
N THR C 15 4.79 20.58 -24.54
CA THR C 15 3.98 20.27 -25.70
C THR C 15 3.69 21.54 -26.49
N SER C 16 3.24 21.34 -27.73
CA SER C 16 2.97 22.43 -28.65
C SER C 16 1.49 22.79 -28.76
N THR C 17 0.59 21.82 -28.67
CA THR C 17 -0.83 22.09 -28.86
C THR C 17 -1.65 21.40 -27.77
N ASP C 18 -2.93 21.74 -27.73
CA ASP C 18 -3.79 21.30 -26.64
C ASP C 18 -4.18 19.83 -26.73
N VAL C 19 -4.22 19.28 -27.94
CA VAL C 19 -4.59 17.87 -28.10
C VAL C 19 -3.47 16.90 -27.77
N GLN C 20 -2.25 17.39 -27.58
CA GLN C 20 -1.12 16.50 -27.30
C GLN C 20 -1.02 16.19 -25.81
N PHE C 21 -0.50 14.99 -25.51
CA PHE C 21 -0.13 14.65 -24.14
C PHE C 21 0.88 13.53 -24.17
N ILE C 22 1.61 13.39 -23.06
CA ILE C 22 2.63 12.36 -22.90
C ILE C 22 1.98 11.14 -22.26
N ALA C 23 2.43 9.96 -22.66
CA ALA C 23 1.88 8.71 -22.12
C ALA C 23 3.00 7.69 -22.05
N VAL C 24 2.74 6.58 -21.39
CA VAL C 24 3.70 5.48 -21.35
C VAL C 24 3.03 4.23 -21.87
N THR C 25 3.82 3.37 -22.51
CA THR C 25 3.36 2.06 -22.96
C THR C 25 4.49 1.08 -22.71
N GLY C 26 4.17 -0.22 -22.70
CA GLY C 26 5.18 -1.19 -22.29
C GLY C 26 4.74 -2.62 -22.54
N ASP C 27 5.59 -3.57 -22.12
CA ASP C 27 5.35 -4.97 -22.47
C ASP C 27 4.28 -5.63 -21.59
N HIS C 28 4.12 -5.19 -20.34
CA HIS C 28 3.15 -5.80 -19.43
C HIS C 28 1.72 -5.31 -19.71
N GLU C 29 0.74 -6.11 -19.28
CA GLU C 29 -0.67 -5.76 -19.48
C GLU C 29 -1.01 -4.42 -18.82
N CYS C 30 -0.48 -4.17 -17.62
CA CYS C 30 -0.68 -2.87 -16.97
C CYS C 30 -0.09 -1.71 -17.77
N LEU C 31 0.73 -1.97 -18.79
CA LEU C 31 1.29 -0.90 -19.61
C LEU C 31 0.82 -0.99 -21.07
N GLY C 32 -0.20 -1.79 -21.36
CA GLY C 32 -0.83 -1.79 -22.65
C GLY C 32 -0.31 -2.80 -23.65
N ARG C 33 0.72 -3.57 -23.29
CA ARG C 33 1.28 -4.57 -24.20
C ARG C 33 1.64 -3.96 -25.55
N TRP C 34 2.20 -2.73 -25.51
CA TRP C 34 2.57 -1.93 -26.67
C TRP C 34 1.41 -1.52 -27.55
N ASN C 35 0.18 -1.91 -27.20
CA ASN C 35 -0.98 -1.74 -28.08
C ASN C 35 -1.86 -0.56 -27.72
N THR C 36 -1.70 -0.03 -26.49
CA THR C 36 -2.41 1.14 -26.00
C THR C 36 -1.47 1.84 -25.02
N TYR C 37 -1.84 3.03 -24.61
CA TYR C 37 -0.96 3.88 -23.81
C TYR C 37 -1.62 4.20 -22.47
N ILE C 38 -0.82 4.59 -21.49
CA ILE C 38 -1.38 5.10 -20.23
C ILE C 38 -1.01 6.58 -20.14
N PRO C 39 -1.98 7.48 -20.17
CA PRO C 39 -1.65 8.91 -20.20
C PRO C 39 -1.03 9.39 -18.89
N LEU C 40 -0.04 10.27 -19.01
CA LEU C 40 0.45 11.06 -17.89
C LEU C 40 -0.35 12.35 -17.81
N HIS C 41 -0.28 13.00 -16.66
CA HIS C 41 -0.99 14.25 -16.40
C HIS C 41 0.02 15.38 -16.25
N TYR C 42 -0.40 16.59 -16.62
CA TYR C 42 0.47 17.74 -16.47
C TYR C 42 0.54 18.17 -15.02
N ASN C 43 1.75 18.44 -14.52
CA ASN C 43 1.94 18.79 -13.11
C ASN C 43 2.11 20.30 -12.99
N LYS C 44 3.27 20.79 -13.40
CA LYS C 44 3.60 22.21 -13.50
C LYS C 44 5.00 22.31 -14.09
N ASP C 45 5.34 23.51 -14.57
CA ASP C 45 6.71 23.84 -14.97
C ASP C 45 7.29 22.81 -15.94
N GLY C 46 6.47 22.40 -16.91
CA GLY C 46 6.90 21.49 -17.96
C GLY C 46 6.88 20.02 -17.60
N PHE C 47 6.60 19.64 -16.36
CA PHE C 47 6.66 18.25 -15.96
C PHE C 47 5.32 17.55 -16.18
N TRP C 48 5.41 16.30 -16.64
CA TRP C 48 4.28 15.38 -16.80
C TRP C 48 4.53 14.19 -15.89
N SER C 49 3.49 13.70 -15.21
CA SER C 49 3.66 12.47 -14.45
C SER C 49 2.31 11.83 -14.11
N HIS C 50 2.38 10.59 -13.66
CA HIS C 50 1.22 9.81 -13.23
C HIS C 50 1.75 8.55 -12.55
N SER C 51 1.12 8.13 -11.47
CA SER C 51 1.56 6.90 -10.81
C SER C 51 0.66 5.75 -11.24
N ILE C 52 1.29 4.62 -11.55
CA ILE C 52 0.66 3.46 -12.16
C ILE C 52 0.88 2.24 -11.28
N PHE C 53 -0.16 1.43 -11.14
CA PHE C 53 -0.09 0.19 -10.39
C PHE C 53 0.51 -0.91 -11.27
N LEU C 54 1.63 -1.48 -10.82
CA LEU C 54 2.38 -2.51 -11.53
C LEU C 54 2.57 -3.71 -10.61
N PRO C 55 2.83 -4.90 -11.15
CA PRO C 55 3.15 -6.04 -10.28
C PRO C 55 4.48 -5.84 -9.59
N ALA C 56 4.54 -6.24 -8.33
CA ALA C 56 5.75 -6.08 -7.53
C ALA C 56 6.85 -7.05 -7.97
N ASP C 57 8.10 -6.60 -7.81
CA ASP C 57 9.28 -7.48 -7.95
C ASP C 57 9.33 -8.13 -9.32
N THR C 58 9.02 -7.36 -10.34
CA THR C 58 8.97 -7.81 -11.73
C THR C 58 9.80 -6.87 -12.57
N VAL C 59 10.38 -7.39 -13.65
CA VAL C 59 11.07 -6.54 -14.62
C VAL C 59 10.15 -6.31 -15.82
N VAL C 60 9.86 -5.01 -16.08
CA VAL C 60 8.97 -4.52 -17.12
C VAL C 60 9.78 -3.69 -18.12
N GLU C 61 9.35 -3.72 -19.40
CA GLU C 61 9.97 -2.95 -20.49
C GLU C 61 8.99 -1.86 -20.95
N TRP C 62 9.47 -0.64 -21.15
CA TRP C 62 8.56 0.48 -21.44
C TRP C 62 9.23 1.60 -22.23
N LYS C 63 8.40 2.51 -22.76
CA LYS C 63 8.85 3.74 -23.44
C LYS C 63 7.82 4.83 -23.24
N PHE C 64 8.27 6.09 -23.35
CA PHE C 64 7.39 7.26 -23.49
C PHE C 64 6.92 7.42 -24.93
N VAL C 65 5.69 7.91 -25.09
CA VAL C 65 5.15 8.30 -26.40
C VAL C 65 4.47 9.65 -26.27
N LEU C 66 4.33 10.33 -27.41
CA LEU C 66 3.51 11.51 -27.57
C LEU C 66 2.22 11.13 -28.30
N VAL C 67 1.08 11.52 -27.73
CA VAL C 67 -0.21 11.09 -28.22
C VAL C 67 -1.05 12.30 -28.62
N GLU C 68 -1.87 12.12 -29.64
CA GLU C 68 -2.85 13.13 -30.06
C GLU C 68 -4.00 12.38 -30.71
N ASN C 69 -5.21 12.57 -30.14
CA ASN C 69 -6.44 12.01 -30.72
C ASN C 69 -6.39 10.49 -30.82
N GLY C 70 -6.05 9.84 -29.71
CA GLY C 70 -6.09 8.39 -29.63
C GLY C 70 -4.99 7.64 -30.35
N GLY C 71 -4.05 8.33 -30.99
CA GLY C 71 -2.95 7.66 -31.67
C GLY C 71 -1.61 8.28 -31.36
N VAL C 72 -0.58 7.42 -31.30
CA VAL C 72 0.78 7.87 -31.03
C VAL C 72 1.26 8.70 -32.21
N THR C 73 1.82 9.88 -31.92
CA THR C 73 2.38 10.70 -32.99
C THR C 73 3.88 10.87 -32.87
N ARG C 74 4.51 10.29 -31.85
CA ARG C 74 5.97 10.35 -31.71
C ARG C 74 6.39 9.30 -30.68
N TRP C 75 7.23 8.36 -31.09
CA TRP C 75 7.89 7.48 -30.13
C TRP C 75 9.22 8.09 -29.70
N GLU C 76 9.53 7.96 -28.43
CA GLU C 76 10.87 8.14 -27.87
C GLU C 76 11.94 7.53 -28.74
N GLU C 77 12.90 8.36 -29.20
CA GLU C 77 13.99 7.91 -30.07
C GLU C 77 15.11 7.24 -29.27
N CYS C 78 14.76 6.17 -28.56
CA CYS C 78 15.74 5.35 -27.86
C CYS C 78 15.21 3.91 -27.82
N SER C 79 16.05 2.99 -27.36
CA SER C 79 15.63 1.60 -27.16
C SER C 79 14.68 1.49 -25.95
N ASN C 80 14.17 0.28 -25.72
CA ASN C 80 13.26 0.05 -24.60
C ASN C 80 13.96 0.25 -23.27
N ARG C 81 13.24 0.82 -22.31
CA ARG C 81 13.71 0.99 -20.95
C ARG C 81 13.38 -0.24 -20.10
N PHE C 82 14.33 -0.66 -19.27
CA PHE C 82 14.10 -1.73 -18.31
C PHE C 82 13.81 -1.12 -16.93
N LEU C 83 12.70 -1.53 -16.32
CA LEU C 83 12.29 -1.11 -14.98
C LEU C 83 12.22 -2.32 -14.06
N GLU C 84 12.95 -2.29 -12.97
CA GLU C 84 12.74 -3.26 -11.90
C GLU C 84 11.74 -2.67 -10.91
N THR C 85 10.54 -3.25 -10.85
CA THR C 85 9.46 -2.59 -10.10
C THR C 85 9.68 -2.60 -8.59
N GLY C 86 10.36 -3.63 -8.05
CA GLY C 86 10.62 -3.59 -6.61
C GLY C 86 9.32 -3.73 -5.82
N HIS C 87 9.40 -3.38 -4.53
CA HIS C 87 8.23 -3.54 -3.68
C HIS C 87 7.96 -2.30 -2.83
N GLU C 88 8.49 -1.15 -3.20
CA GLU C 88 8.21 0.10 -2.51
C GLU C 88 7.71 1.10 -3.54
N ASP C 89 6.68 1.86 -3.18
CA ASP C 89 6.19 2.89 -4.10
C ASP C 89 7.32 3.88 -4.39
N LYS C 90 7.45 4.27 -5.66
CA LYS C 90 8.62 5.05 -6.03
C LYS C 90 8.33 5.91 -7.26
N VAL C 91 9.28 6.78 -7.55
CA VAL C 91 9.19 7.76 -8.62
C VAL C 91 10.32 7.44 -9.60
N VAL C 92 9.98 7.36 -10.89
CA VAL C 92 10.97 7.16 -11.94
C VAL C 92 11.05 8.47 -12.71
N HIS C 93 12.12 9.21 -12.49
CA HIS C 93 12.35 10.49 -13.13
C HIS C 93 13.30 10.25 -14.32
N ALA C 94 12.76 10.30 -15.53
CA ALA C 94 13.52 9.96 -16.72
C ALA C 94 13.60 11.14 -17.67
N TRP C 95 14.39 10.98 -18.75
CA TRP C 95 14.60 12.01 -19.75
C TRP C 95 14.22 11.49 -21.12
N TRP C 96 13.36 12.24 -21.81
CA TRP C 96 12.87 11.82 -23.12
C TRP C 96 14.02 11.46 -24.02
N GLY C 97 13.99 10.24 -24.56
CA GLY C 97 14.87 9.89 -25.68
C GLY C 97 16.29 9.48 -25.34
N ILE C 98 16.63 9.37 -24.05
CA ILE C 98 18.02 9.05 -23.67
C ILE C 98 17.97 8.35 -22.31
N HIS C 99 18.80 7.31 -22.16
CA HIS C 99 18.88 6.57 -20.91
C HIS C 99 20.09 5.68 -20.88
N GLN D 3 25.23 30.38 10.73
CA GLN D 3 24.18 31.07 9.99
C GLN D 3 23.06 30.10 9.63
N GLN D 4 22.00 30.61 9.00
CA GLN D 4 20.84 29.80 8.65
C GLN D 4 20.67 29.76 7.13
N VAL D 5 19.88 28.78 6.69
CA VAL D 5 19.55 28.56 5.29
C VAL D 5 18.04 28.42 5.18
N SER D 6 17.48 28.93 4.08
CA SER D 6 16.03 28.89 3.87
C SER D 6 15.70 27.75 2.91
N VAL D 7 14.88 26.80 3.38
CA VAL D 7 14.52 25.62 2.63
C VAL D 7 13.02 25.64 2.36
N ARG D 8 12.65 25.52 1.09
CA ARG D 8 11.25 25.53 0.67
C ARG D 8 10.76 24.11 0.47
N PHE D 9 9.72 23.72 1.23
CA PHE D 9 9.13 22.39 1.21
C PHE D 9 7.89 22.36 0.33
N GLN D 10 7.76 21.34 -0.50
CA GLN D 10 6.66 21.26 -1.47
C GLN D 10 6.19 19.82 -1.62
N VAL D 11 4.87 19.63 -1.72
CA VAL D 11 4.23 18.32 -1.82
C VAL D 11 2.83 18.51 -2.38
N HIS D 12 2.41 17.58 -3.25
CA HIS D 12 1.06 17.59 -3.82
C HIS D 12 0.11 16.78 -2.94
N TYR D 13 -1.02 17.40 -2.58
CA TYR D 13 -2.01 16.75 -1.73
C TYR D 13 -3.35 17.44 -1.95
N VAL D 14 -4.37 16.65 -2.21
CA VAL D 14 -5.71 17.17 -2.45
C VAL D 14 -6.51 16.89 -1.19
N THR D 15 -6.82 17.95 -0.43
CA THR D 15 -7.63 17.85 0.76
C THR D 15 -9.11 17.80 0.38
N SER D 16 -9.96 17.49 1.36
CA SER D 16 -11.39 17.40 1.10
C SER D 16 -12.24 18.38 1.90
N THR D 17 -11.65 19.21 2.76
CA THR D 17 -12.38 20.25 3.47
C THR D 17 -11.54 21.52 3.53
N ASP D 18 -12.19 22.64 3.84
CA ASP D 18 -11.52 23.93 3.93
C ASP D 18 -10.69 24.09 5.20
N VAL D 19 -11.00 23.31 6.25
CA VAL D 19 -10.20 23.35 7.48
C VAL D 19 -8.99 22.43 7.42
N GLN D 20 -8.83 21.67 6.35
CA GLN D 20 -7.72 20.75 6.25
C GLN D 20 -6.54 21.42 5.57
N PHE D 21 -5.34 21.17 6.09
CA PHE D 21 -4.12 21.65 5.45
C PHE D 21 -2.96 20.74 5.79
N ILE D 22 -1.88 20.89 5.02
CA ILE D 22 -0.66 20.08 5.12
C ILE D 22 0.38 20.86 5.89
N ALA D 23 1.16 20.16 6.74
CA ALA D 23 2.20 20.82 7.51
C ALA D 23 3.45 19.94 7.58
N VAL D 24 4.53 20.53 8.10
CA VAL D 24 5.82 19.88 8.24
C VAL D 24 6.21 19.87 9.71
N THR D 25 6.77 18.76 10.18
CA THR D 25 7.30 18.70 11.53
C THR D 25 8.55 17.82 11.55
N GLY D 26 9.36 18.00 12.58
CA GLY D 26 10.66 17.34 12.62
C GLY D 26 11.32 17.49 13.97
N ASP D 27 12.56 17.00 14.06
CA ASP D 27 13.21 16.85 15.36
C ASP D 27 13.79 18.16 15.88
N HIS D 28 14.38 18.97 15.01
CA HIS D 28 15.02 20.19 15.46
C HIS D 28 14.01 21.13 16.11
N GLU D 29 14.54 22.04 16.94
CA GLU D 29 13.68 23.01 17.61
C GLU D 29 12.91 23.88 16.61
N CYS D 30 13.48 24.13 15.44
CA CYS D 30 12.76 24.92 14.45
C CYS D 30 11.75 24.11 13.64
N LEU D 31 11.77 22.78 13.76
CA LEU D 31 10.75 21.94 13.15
C LEU D 31 9.68 21.52 14.14
N GLY D 32 9.66 22.11 15.33
CA GLY D 32 8.63 21.86 16.31
C GLY D 32 8.89 20.72 17.27
N ARG D 33 10.02 20.04 17.15
CA ARG D 33 10.38 18.92 18.01
C ARG D 33 9.24 17.89 18.06
N TRP D 34 8.70 17.57 16.88
CA TRP D 34 7.63 16.60 16.71
C TRP D 34 6.36 16.95 17.48
N ASN D 35 6.20 18.20 17.93
CA ASN D 35 4.99 18.59 18.63
C ASN D 35 4.18 19.61 17.84
N THR D 36 4.72 20.79 17.59
CA THR D 36 4.00 21.73 16.75
C THR D 36 4.36 21.44 15.30
N TYR D 37 3.76 22.19 14.38
CA TYR D 37 3.96 21.97 12.97
C TYR D 37 3.97 23.31 12.26
N ILE D 38 4.70 23.38 11.15
CA ILE D 38 4.77 24.56 10.31
C ILE D 38 3.77 24.36 9.15
N PRO D 39 2.70 25.12 9.07
CA PRO D 39 1.75 24.94 7.97
C PRO D 39 2.38 25.33 6.64
N LEU D 40 1.96 24.62 5.60
CA LEU D 40 2.29 24.96 4.22
C LEU D 40 1.09 25.67 3.60
N HIS D 41 1.37 26.55 2.64
CA HIS D 41 0.34 27.37 2.00
C HIS D 41 -0.21 26.71 0.73
N TYR D 42 -1.52 26.79 0.54
CA TYR D 42 -2.18 26.14 -0.58
C TYR D 42 -1.91 26.86 -1.89
N ASN D 43 -1.94 26.10 -2.98
CA ASN D 43 -1.90 26.62 -4.34
C ASN D 43 -2.91 25.88 -5.19
N LYS D 44 -3.41 26.56 -6.23
CA LYS D 44 -4.47 25.97 -7.06
C LYS D 44 -3.99 24.71 -7.79
N ASP D 45 -2.70 24.62 -8.11
CA ASP D 45 -2.21 23.46 -8.85
C ASP D 45 -2.12 22.19 -8.00
N GLY D 46 -2.60 22.21 -6.75
CA GLY D 46 -2.53 21.07 -5.88
C GLY D 46 -1.27 20.93 -5.06
N PHE D 47 -0.30 21.82 -5.24
CA PHE D 47 0.98 21.75 -4.55
C PHE D 47 0.97 22.70 -3.35
N TRP D 48 1.27 22.18 -2.17
CA TRP D 48 1.44 22.98 -0.97
C TRP D 48 2.91 23.33 -0.83
N SER D 49 3.21 24.56 -0.40
CA SER D 49 4.61 24.93 -0.20
C SER D 49 4.74 26.09 0.79
N HIS D 50 5.92 26.18 1.39
CA HIS D 50 6.33 27.25 2.31
C HIS D 50 7.83 27.10 2.57
N SER D 51 8.49 28.23 2.84
CA SER D 51 9.92 28.25 3.14
C SER D 51 10.15 28.35 4.64
N ILE D 52 11.03 27.50 5.16
CA ILE D 52 11.39 27.51 6.58
C ILE D 52 12.91 27.61 6.74
N PHE D 53 13.34 28.46 7.67
CA PHE D 53 14.75 28.59 7.99
C PHE D 53 15.24 27.45 8.88
N LEU D 54 16.38 26.89 8.51
CA LEU D 54 17.03 25.82 9.27
C LEU D 54 18.46 26.21 9.55
N PRO D 55 19.12 25.57 10.53
CA PRO D 55 20.54 25.83 10.74
C PRO D 55 21.34 25.26 9.60
N ALA D 56 22.43 25.96 9.27
CA ALA D 56 23.27 25.53 8.15
C ALA D 56 24.01 24.25 8.49
N ASP D 57 24.21 23.42 7.46
CA ASP D 57 25.18 22.32 7.51
C ASP D 57 24.88 21.31 8.61
N THR D 58 23.61 20.97 8.78
CA THR D 58 23.22 19.97 9.77
C THR D 58 22.17 19.03 9.18
N VAL D 59 22.02 17.89 9.85
CA VAL D 59 21.07 16.86 9.45
C VAL D 59 19.83 16.99 10.33
N VAL D 60 18.66 16.99 9.69
CA VAL D 60 17.40 17.05 10.42
C VAL D 60 16.47 15.97 9.89
N GLU D 61 15.67 15.42 10.78
CA GLU D 61 14.69 14.38 10.46
C GLU D 61 13.30 14.99 10.47
N TRP D 62 12.53 14.74 9.41
CA TRP D 62 11.28 15.46 9.24
C TRP D 62 10.29 14.61 8.46
N LYS D 63 9.07 15.14 8.34
CA LYS D 63 7.91 14.39 7.85
C LYS D 63 6.77 15.36 7.54
N PHE D 64 5.96 15.01 6.54
CA PHE D 64 4.69 15.72 6.29
C PHE D 64 3.59 15.14 7.16
N VAL D 65 2.68 16.02 7.60
CA VAL D 65 1.48 15.60 8.31
C VAL D 65 0.27 16.33 7.73
N LEU D 66 -0.91 15.71 7.90
CA LEU D 66 -2.20 16.35 7.63
C LEU D 66 -2.79 16.87 8.93
N VAL D 67 -3.28 18.11 8.90
CA VAL D 67 -3.69 18.82 10.11
C VAL D 67 -5.13 19.30 9.98
N GLU D 68 -5.84 19.32 11.10
CA GLU D 68 -7.24 19.71 11.12
C GLU D 68 -7.64 20.10 12.54
N ASN D 69 -8.13 21.32 12.72
CA ASN D 69 -8.71 21.77 13.98
C ASN D 69 -7.67 21.79 15.09
N GLY D 70 -6.44 22.14 14.74
CA GLY D 70 -5.35 22.21 15.70
C GLY D 70 -4.58 20.93 15.90
N GLY D 71 -5.07 19.81 15.39
CA GLY D 71 -4.48 18.50 15.68
C GLY D 71 -4.07 17.77 14.43
N VAL D 72 -2.93 17.09 14.51
CA VAL D 72 -2.49 16.22 13.44
C VAL D 72 -3.48 15.07 13.33
N THR D 73 -4.01 14.84 12.13
CA THR D 73 -4.94 13.74 11.91
C THR D 73 -4.38 12.64 11.01
N ARG D 74 -3.20 12.84 10.42
CA ARG D 74 -2.59 11.81 9.58
C ARG D 74 -1.11 12.12 9.41
N TRP D 75 -0.27 11.14 9.72
CA TRP D 75 1.16 11.23 9.42
C TRP D 75 1.42 10.48 8.13
N GLU D 76 2.31 11.01 7.30
CA GLU D 76 2.65 10.30 6.08
C GLU D 76 3.31 8.98 6.44
N GLU D 77 2.97 7.92 5.68
CA GLU D 77 3.27 6.54 6.05
C GLU D 77 4.60 6.12 5.41
N CYS D 78 5.68 6.59 6.01
CA CYS D 78 7.04 6.21 5.60
C CYS D 78 7.95 6.57 6.76
N SER D 79 9.17 6.04 6.73
CA SER D 79 10.09 6.35 7.82
C SER D 79 10.42 7.83 7.80
N ASN D 80 11.12 8.29 8.84
CA ASN D 80 11.55 9.67 8.90
C ASN D 80 12.39 10.00 7.66
N ARG D 81 12.18 11.21 7.12
CA ARG D 81 13.01 11.70 6.04
C ARG D 81 14.24 12.35 6.64
N PHE D 82 15.37 12.19 5.97
CA PHE D 82 16.62 12.81 6.37
C PHE D 82 16.95 13.93 5.39
N LEU D 83 17.30 15.09 5.93
CA LEU D 83 17.68 16.23 5.12
C LEU D 83 19.00 16.78 5.63
N GLU D 84 19.96 16.91 4.73
CA GLU D 84 21.19 17.65 5.01
C GLU D 84 20.98 19.07 4.51
N THR D 85 21.03 20.02 5.44
CA THR D 85 20.62 21.39 5.10
C THR D 85 21.63 22.09 4.19
N GLY D 86 22.91 21.71 4.26
CA GLY D 86 23.87 22.42 3.44
C GLY D 86 23.97 23.89 3.83
N HIS D 87 24.48 24.69 2.89
CA HIS D 87 24.66 26.12 3.12
C HIS D 87 24.28 26.94 1.89
N GLU D 88 23.23 26.53 1.19
CA GLU D 88 22.60 27.41 0.21
C GLU D 88 21.10 27.17 0.20
N ASP D 89 20.35 28.24 -0.06
CA ASP D 89 18.89 28.12 -0.06
C ASP D 89 18.46 27.13 -1.13
N LYS D 90 17.40 26.36 -0.87
CA LYS D 90 17.09 25.30 -1.80
C LYS D 90 15.65 24.84 -1.61
N VAL D 91 15.19 24.03 -2.57
CA VAL D 91 13.84 23.49 -2.59
C VAL D 91 13.92 22.00 -2.31
N VAL D 92 13.14 21.54 -1.35
CA VAL D 92 12.96 20.11 -1.09
C VAL D 92 11.56 19.74 -1.53
N HIS D 93 11.43 19.26 -2.76
CA HIS D 93 10.17 18.74 -3.24
C HIS D 93 10.09 17.24 -3.01
N ALA D 94 8.93 16.78 -2.54
CA ALA D 94 8.73 15.36 -2.31
C ALA D 94 7.31 14.94 -2.70
N TRP D 95 7.12 13.63 -2.84
CA TRP D 95 5.81 13.02 -3.01
C TRP D 95 5.43 12.32 -1.70
N TRP D 96 4.20 12.54 -1.26
CA TRP D 96 3.70 11.98 0.00
C TRP D 96 3.99 10.48 0.10
N GLY D 97 4.56 10.08 1.24
CA GLY D 97 4.81 8.68 1.50
C GLY D 97 6.02 8.09 0.81
N ILE D 98 6.70 8.83 -0.05
CA ILE D 98 7.82 8.31 -0.83
C ILE D 98 9.10 9.04 -0.42
N HIS D 99 10.09 8.27 0.04
CA HIS D 99 11.42 8.79 0.33
C HIS D 99 12.13 9.35 -0.91
#